data_5TED
#
_entry.id   5TED
#
_cell.length_a   50.890
_cell.length_b   92.849
_cell.length_c   113.915
_cell.angle_alpha   90.00
_cell.angle_beta   90.00
_cell.angle_gamma   90.00
#
_symmetry.space_group_name_H-M   'P 21 21 21'
#
loop_
_entity.id
_entity.type
_entity.pdbx_description
1 polymer 'Lmo0488 protein'
2 polymer 'His Tag peptide'
3 non-polymer '(3R,4S,5R)-3,4,5-TRIHYDROXYCYCLOHEX-1-ENE-1-CARBOXYLIC ACID'
4 water water
#
loop_
_entity_poly.entity_id
_entity_poly.type
_entity_poly.pdbx_seq_one_letter_code
_entity_poly.pdbx_strand_id
1 'polypeptide(L)'
;SHGNIDLGFIYTMGAHTVPELVQNFTKVESHKDITFSFFQGATKSIIPDLKNEKFDLAICSYVENEPDIEFLPLTKQELV
VVVAENHPLAKYDSIDLQDTADYSYIFFSDTSGLRPLIDSLFAEINIQPKIGCYVEEDTAMVGLVSVDYGISIMPKISSL
AHYNVKVLSINEPKHDRFIYLASLKNHYISPASKAFKDFALRYGKKHFLRENLYFQGLEHHHHHHH
;
B,A
2 'polypeptide(L)' GAYGAGLAH H
#
loop_
_chem_comp.id
_chem_comp.type
_chem_comp.name
_chem_comp.formula
SKM non-polymer '(3R,4S,5R)-3,4,5-TRIHYDROXYCYCLOHEX-1-ENE-1-CARBOXYLIC ACID' 'C7 H10 O5'
#
# COMPACT_ATOMS: atom_id res chain seq x y z
N SER A 1 24.32 -11.87 -17.54
CA SER A 1 23.53 -12.35 -16.42
C SER A 1 22.09 -12.71 -16.81
N HIS A 2 21.54 -13.71 -16.14
CA HIS A 2 20.15 -14.09 -16.38
C HIS A 2 19.60 -14.66 -15.08
N GLY A 3 18.38 -15.17 -15.13
CA GLY A 3 17.73 -15.58 -13.90
C GLY A 3 16.79 -14.50 -13.37
N ASN A 4 16.13 -14.87 -12.28
CA ASN A 4 15.11 -14.06 -11.65
C ASN A 4 15.57 -13.60 -10.29
N ILE A 5 15.09 -12.43 -9.88
CA ILE A 5 15.33 -11.88 -8.56
C ILE A 5 13.99 -11.64 -7.89
N ASP A 6 13.78 -12.28 -6.75
CA ASP A 6 12.59 -12.00 -5.95
C ASP A 6 12.97 -10.97 -4.91
N LEU A 7 12.42 -9.76 -5.04
CA LEU A 7 12.79 -8.64 -4.19
C LEU A 7 11.58 -8.24 -3.36
N GLY A 8 11.72 -8.32 -2.04
CA GLY A 8 10.68 -7.86 -1.11
C GLY A 8 11.09 -6.56 -0.46
N PHE A 9 10.12 -5.66 -0.28
CA PHE A 9 10.46 -4.35 0.26
C PHE A 9 9.30 -3.71 1.01
N ILE A 10 9.68 -2.79 1.91
CA ILE A 10 8.69 -2.04 2.68
C ILE A 10 7.99 -1.04 1.77
N TYR A 11 6.72 -0.77 2.06
CA TYR A 11 5.83 -0.09 1.14
C TYR A 11 6.41 1.19 0.56
N THR A 12 7.03 2.02 1.41
CA THR A 12 7.40 3.32 0.86
C THR A 12 8.44 3.20 -0.25
N MET A 13 9.08 2.05 -0.40
CA MET A 13 10.09 1.94 -1.45
C MET A 13 9.50 1.75 -2.85
N GLY A 14 8.19 1.50 -2.96
CA GLY A 14 7.62 1.22 -4.29
C GLY A 14 7.49 2.44 -5.17
N ALA A 15 7.19 3.59 -4.57
CA ALA A 15 6.86 4.77 -5.37
C ALA A 15 8.03 5.21 -6.24
N HIS A 16 9.25 5.25 -5.67
CA HIS A 16 10.39 5.84 -6.36
C HIS A 16 11.69 5.08 -6.23
N THR A 17 12.01 4.57 -5.04
CA THR A 17 13.35 4.02 -4.81
C THR A 17 13.58 2.74 -5.60
N VAL A 18 12.68 1.76 -5.47
CA VAL A 18 12.84 0.52 -6.24
C VAL A 18 12.78 0.79 -7.74
N PRO A 19 11.82 1.56 -8.26
CA PRO A 19 11.84 1.92 -9.69
C PRO A 19 13.16 2.52 -10.15
N GLU A 20 13.72 3.44 -9.35
CA GLU A 20 15.00 4.06 -9.71
C GLU A 20 16.12 3.05 -9.78
N LEU A 21 16.19 2.15 -8.80
CA LEU A 21 17.21 1.10 -8.79
C LEU A 21 17.04 0.14 -9.96
N VAL A 22 15.81 -0.30 -10.21
CA VAL A 22 15.57 -1.28 -11.28
C VAL A 22 15.83 -0.67 -12.64
N GLN A 23 15.37 0.56 -12.85
CA GLN A 23 15.59 1.21 -14.13
C GLN A 23 17.09 1.39 -14.42
N ASN A 24 17.85 1.87 -13.42
CA ASN A 24 19.27 2.08 -13.64
C ASN A 24 20.04 0.76 -13.77
N PHE A 25 19.67 -0.24 -12.96
CA PHE A 25 20.28 -1.56 -13.11
C PHE A 25 20.10 -2.12 -14.51
N THR A 26 18.89 -1.98 -15.06
CA THR A 26 18.51 -2.64 -16.31
C THR A 26 19.04 -1.92 -17.55
N LYS A 27 19.63 -0.73 -17.39
CA LYS A 27 20.24 -0.08 -18.55
C LYS A 27 21.46 -0.85 -19.02
N VAL A 28 22.11 -1.59 -18.13
CA VAL A 28 23.31 -2.35 -18.49
C VAL A 28 22.95 -3.53 -19.37
N GLU A 29 23.72 -3.72 -20.46
CA GLU A 29 23.40 -4.76 -21.42
C GLU A 29 23.34 -6.14 -20.77
N SER A 30 24.30 -6.44 -19.89
CA SER A 30 24.37 -7.76 -19.24
C SER A 30 23.27 -7.98 -18.19
N HIS A 31 22.43 -6.99 -17.95
CA HIS A 31 21.30 -7.12 -17.03
C HIS A 31 19.94 -7.16 -17.73
N LYS A 32 19.88 -6.96 -19.05
CA LYS A 32 18.61 -6.87 -19.74
C LYS A 32 17.75 -8.12 -19.56
N ASP A 33 18.38 -9.30 -19.47
CA ASP A 33 17.63 -10.55 -19.42
C ASP A 33 17.25 -10.97 -18.01
N ILE A 34 17.68 -10.25 -16.98
CA ILE A 34 17.29 -10.59 -15.63
C ILE A 34 15.81 -10.26 -15.44
N THR A 35 15.08 -11.08 -14.70
CA THR A 35 13.69 -10.78 -14.42
C THR A 35 13.50 -10.57 -12.92
N PHE A 36 12.41 -9.91 -12.55
CA PHE A 36 12.10 -9.62 -11.15
C PHE A 36 10.67 -10.01 -10.83
N SER A 37 10.44 -10.35 -9.57
CA SER A 37 9.12 -10.29 -8.95
C SER A 37 9.24 -9.42 -7.70
N PHE A 38 8.28 -8.52 -7.50
CA PHE A 38 8.34 -7.52 -6.45
C PHE A 38 7.27 -7.76 -5.41
N PHE A 39 7.66 -7.82 -4.14
CA PHE A 39 6.75 -8.05 -3.03
C PHE A 39 6.78 -6.85 -2.08
N GLN A 40 5.62 -6.50 -1.50
CA GLN A 40 5.46 -5.34 -0.62
C GLN A 40 4.95 -5.79 0.75
N GLY A 41 5.47 -5.17 1.81
CA GLY A 41 4.98 -5.50 3.14
C GLY A 41 5.71 -4.74 4.23
N ALA A 42 5.40 -5.08 5.48
CA ALA A 42 6.07 -4.52 6.65
C ALA A 42 7.28 -5.38 7.03
N THR A 43 8.24 -4.75 7.73
CA THR A 43 9.51 -5.40 8.06
C THR A 43 9.32 -6.73 8.78
N LYS A 44 8.38 -6.78 9.73
CA LYS A 44 8.28 -7.98 10.53
C LYS A 44 7.78 -9.18 9.70
N SER A 45 6.96 -8.95 8.68
CA SER A 45 6.62 -10.03 7.76
C SER A 45 7.75 -10.35 6.79
N ILE A 46 8.51 -9.33 6.37
CA ILE A 46 9.55 -9.49 5.35
C ILE A 46 10.67 -10.41 5.84
N ILE A 47 11.03 -10.30 7.12
CA ILE A 47 12.15 -11.09 7.64
C ILE A 47 11.93 -12.58 7.48
N PRO A 48 10.80 -13.17 7.91
CA PRO A 48 10.60 -14.60 7.67
C PRO A 48 10.66 -15.00 6.21
N ASP A 49 10.20 -14.13 5.30
CA ASP A 49 10.23 -14.48 3.88
C ASP A 49 11.63 -14.40 3.30
N LEU A 50 12.55 -13.70 3.96
CA LEU A 50 13.96 -13.84 3.62
C LEU A 50 14.49 -15.17 4.10
N LYS A 51 14.16 -15.55 5.33
CA LYS A 51 14.68 -16.79 5.90
C LYS A 51 14.15 -18.00 5.15
N ASN A 52 12.88 -17.97 4.75
CA ASN A 52 12.29 -19.08 4.00
C ASN A 52 12.56 -18.97 2.51
N GLU A 53 13.39 -18.02 2.10
CA GLU A 53 13.89 -17.89 0.74
C GLU A 53 12.83 -17.50 -0.27
N LYS A 54 11.65 -17.04 0.18
CA LYS A 54 10.69 -16.49 -0.76
C LYS A 54 11.26 -15.27 -1.48
N PHE A 55 12.05 -14.46 -0.75
CA PHE A 55 12.78 -13.33 -1.31
C PHE A 55 14.25 -13.69 -1.41
N ASP A 56 14.88 -13.31 -2.54
CA ASP A 56 16.34 -13.37 -2.66
C ASP A 56 17.01 -12.23 -1.88
N LEU A 57 16.36 -11.07 -1.86
CA LEU A 57 16.87 -9.86 -1.23
C LEU A 57 15.68 -9.09 -0.68
N ALA A 58 15.93 -8.28 0.35
CA ALA A 58 14.87 -7.44 0.88
C ALA A 58 15.41 -6.04 1.15
N ILE A 59 14.50 -5.08 1.12
CA ILE A 59 14.78 -3.71 1.52
C ILE A 59 13.84 -3.37 2.67
N CYS A 60 14.40 -3.13 3.86
CA CYS A 60 13.53 -3.01 5.04
C CYS A 60 14.29 -2.33 6.17
N SER A 61 13.64 -2.26 7.34
CA SER A 61 14.23 -1.69 8.54
C SER A 61 15.19 -2.68 9.19
N TYR A 62 16.18 -2.15 9.90
CA TYR A 62 17.04 -2.99 10.71
C TYR A 62 16.23 -3.64 11.83
N VAL A 63 16.57 -4.88 12.16
CA VAL A 63 15.92 -5.61 13.24
C VAL A 63 17.01 -6.18 14.13
N GLU A 64 16.93 -5.87 15.43
CA GLU A 64 17.93 -6.36 16.36
C GLU A 64 17.77 -7.86 16.58
N ASN A 65 18.88 -8.52 16.91
CA ASN A 65 18.91 -9.94 17.26
C ASN A 65 18.46 -10.82 16.10
N GLU A 66 18.95 -10.51 14.90
CA GLU A 66 18.73 -11.33 13.71
C GLU A 66 20.10 -11.67 13.14
N PRO A 67 20.87 -12.49 13.84
CA PRO A 67 22.25 -12.76 13.41
C PRO A 67 22.35 -13.47 12.07
N ASP A 68 21.28 -14.13 11.62
CA ASP A 68 21.29 -14.80 10.32
C ASP A 68 21.11 -13.84 9.16
N ILE A 69 20.75 -12.58 9.40
CA ILE A 69 20.45 -11.63 8.35
C ILE A 69 21.54 -10.58 8.33
N GLU A 70 22.06 -10.29 7.14
CA GLU A 70 23.01 -9.20 6.96
C GLU A 70 22.25 -7.96 6.53
N PHE A 71 22.40 -6.87 7.28
CA PHE A 71 21.79 -5.59 6.95
C PHE A 71 22.90 -4.62 6.53
N LEU A 72 22.79 -4.06 5.33
CA LEU A 72 23.74 -3.06 4.85
C LEU A 72 23.00 -1.79 4.48
N PRO A 73 23.50 -0.61 4.88
CA PRO A 73 22.73 0.62 4.66
C PRO A 73 22.49 0.87 3.19
N LEU A 74 21.25 1.23 2.84
CA LEU A 74 20.88 1.49 1.46
C LEU A 74 20.36 2.91 1.24
N THR A 75 19.42 3.37 2.05
CA THR A 75 18.89 4.73 1.90
C THR A 75 18.42 5.21 3.27
N LYS A 76 17.74 6.36 3.30
CA LYS A 76 17.28 6.93 4.56
C LYS A 76 16.02 7.73 4.33
N GLN A 77 15.31 8.03 5.42
CA GLN A 77 14.13 8.88 5.34
C GLN A 77 14.15 9.88 6.48
N GLU A 78 13.36 10.94 6.31
CA GLU A 78 13.16 11.95 7.33
C GLU A 78 11.80 11.71 7.98
N LEU A 79 11.78 11.55 9.30
CA LEU A 79 10.51 11.48 10.02
C LEU A 79 9.93 12.88 10.20
N VAL A 80 8.62 13.02 9.94
CA VAL A 80 7.90 14.27 10.09
C VAL A 80 6.63 14.01 10.88
N VAL A 81 6.02 15.08 11.38
CA VAL A 81 4.69 15.01 11.98
C VAL A 81 3.69 15.58 10.97
N VAL A 82 2.59 14.85 10.75
CA VAL A 82 1.58 15.19 9.75
C VAL A 82 0.25 15.41 10.47
N VAL A 83 -0.40 16.53 10.15
CA VAL A 83 -1.62 16.93 10.84
C VAL A 83 -2.59 17.43 9.79
N ALA A 84 -3.89 17.36 10.10
CA ALA A 84 -4.87 17.90 9.18
C ALA A 84 -4.58 19.39 8.96
N GLU A 85 -5.00 19.89 7.80
CA GLU A 85 -4.61 21.24 7.41
C GLU A 85 -5.21 22.31 8.31
N ASN A 86 -6.22 22.00 9.11
CA ASN A 86 -6.78 22.97 10.04
C ASN A 86 -6.53 22.59 11.50
N HIS A 87 -5.61 21.67 11.72
CA HIS A 87 -5.25 21.24 13.06
C HIS A 87 -4.54 22.38 13.80
N PRO A 88 -4.71 22.46 15.12
CA PRO A 88 -3.99 23.50 15.87
C PRO A 88 -2.49 23.51 15.63
N LEU A 89 -1.87 22.35 15.37
CA LEU A 89 -0.44 22.36 15.14
C LEU A 89 -0.07 22.87 13.76
N ALA A 90 -1.04 22.98 12.86
CA ALA A 90 -0.76 23.44 11.50
C ALA A 90 -0.29 24.90 11.48
N LYS A 91 -0.47 25.65 12.57
CA LYS A 91 0.02 27.03 12.60
C LYS A 91 1.53 27.09 12.52
N TYR A 92 2.22 26.01 12.84
CA TYR A 92 3.67 25.97 12.87
C TYR A 92 4.22 25.39 11.56
N ASP A 93 5.51 25.62 11.35
CA ASP A 93 6.22 24.95 10.28
C ASP A 93 7.15 23.87 10.80
N SER A 94 7.56 23.95 12.06
CA SER A 94 8.37 22.93 12.71
C SER A 94 7.98 22.88 14.18
N ILE A 95 8.16 21.72 14.80
CA ILE A 95 7.75 21.48 16.18
C ILE A 95 8.75 20.53 16.82
N ASP A 96 8.70 20.46 18.14
CA ASP A 96 9.32 19.42 18.92
C ASP A 96 8.32 18.30 19.08
N LEU A 97 8.82 17.05 19.16
CA LEU A 97 7.88 15.94 19.28
C LEU A 97 6.98 16.11 20.50
N GLN A 98 7.51 16.67 21.59
CA GLN A 98 6.69 16.85 22.77
C GLN A 98 5.55 17.85 22.54
N ASP A 99 5.62 18.66 21.48
CA ASP A 99 4.50 19.55 21.21
C ASP A 99 3.25 18.80 20.78
N THR A 100 3.35 17.49 20.55
CA THR A 100 2.21 16.67 20.13
C THR A 100 1.52 15.97 21.29
N ALA A 101 1.97 16.20 22.52
CA ALA A 101 1.55 15.39 23.66
C ALA A 101 0.04 15.33 23.81
N ASP A 102 -0.65 16.44 23.53
CA ASP A 102 -2.09 16.51 23.79
C ASP A 102 -2.93 15.78 22.74
N TYR A 103 -2.36 15.35 21.62
CA TYR A 103 -3.15 14.98 20.45
C TYR A 103 -3.13 13.48 20.18
N SER A 104 -4.24 13.00 19.61
CA SER A 104 -4.42 11.57 19.34
C SER A 104 -3.73 11.14 18.05
N TYR A 105 -2.96 10.06 18.12
CA TYR A 105 -2.17 9.57 16.99
C TYR A 105 -2.89 8.50 16.21
N ILE A 106 -2.63 8.52 14.90
CA ILE A 106 -2.76 7.36 14.03
C ILE A 106 -1.36 6.77 14.02
N PHE A 107 -1.18 5.67 14.74
CA PHE A 107 0.13 5.09 15.04
C PHE A 107 0.41 3.88 14.15
N PHE A 108 1.69 3.63 13.88
CA PHE A 108 2.06 2.42 13.16
C PHE A 108 1.85 1.20 14.03
N SER A 109 1.33 0.13 13.42
CA SER A 109 1.15 -1.13 14.14
C SER A 109 2.51 -1.76 14.47
N ASP A 110 2.47 -2.78 15.34
CA ASP A 110 3.65 -3.48 15.80
C ASP A 110 4.41 -4.16 14.67
N THR A 111 3.75 -4.46 13.55
CA THR A 111 4.43 -5.07 12.42
C THR A 111 5.43 -4.12 11.75
N SER A 112 5.35 -2.82 12.04
CA SER A 112 6.16 -1.83 11.34
C SER A 112 7.60 -1.84 11.87
N GLY A 113 8.56 -2.03 10.96
CA GLY A 113 9.96 -1.88 11.31
C GLY A 113 10.35 -0.48 11.72
N LEU A 114 9.47 0.51 11.55
CA LEU A 114 9.72 1.86 12.04
C LEU A 114 9.46 2.00 13.53
N ARG A 115 8.74 1.06 14.15
CA ARG A 115 8.29 1.30 15.52
C ARG A 115 9.42 1.38 16.54
N PRO A 116 10.50 0.58 16.43
CA PRO A 116 11.63 0.78 17.36
C PRO A 116 12.14 2.21 17.41
N LEU A 117 12.42 2.83 16.26
CA LEU A 117 12.85 4.22 16.23
C LEU A 117 11.79 5.15 16.82
N ILE A 118 10.55 5.03 16.36
CA ILE A 118 9.49 5.92 16.83
C ILE A 118 9.32 5.78 18.34
N ASP A 119 9.20 4.55 18.84
CA ASP A 119 9.03 4.37 20.27
C ASP A 119 10.21 4.95 21.05
N SER A 120 11.42 4.82 20.52
CA SER A 120 12.56 5.37 21.25
C SER A 120 12.51 6.89 21.29
N LEU A 121 12.01 7.52 20.23
CA LEU A 121 11.89 8.99 20.24
C LEU A 121 10.93 9.45 21.33
N PHE A 122 9.80 8.76 21.49
CA PHE A 122 8.86 9.14 22.54
C PHE A 122 9.40 8.81 23.92
N ALA A 123 10.08 7.67 24.04
CA ALA A 123 10.68 7.33 25.33
C ALA A 123 11.79 8.31 25.69
N GLU A 124 12.56 8.76 24.70
CA GLU A 124 13.64 9.72 24.98
C GLU A 124 13.10 10.98 25.62
N ILE A 125 11.98 11.49 25.13
CA ILE A 125 11.38 12.71 25.64
C ILE A 125 10.36 12.36 26.73
N ASN A 126 10.37 11.09 27.16
CA ASN A 126 9.54 10.61 28.27
C ASN A 126 8.06 11.01 28.09
N ILE A 127 7.52 10.71 26.92
CA ILE A 127 6.12 10.98 26.59
C ILE A 127 5.45 9.67 26.18
N GLN A 128 4.22 9.46 26.66
CA GLN A 128 3.40 8.31 26.30
C GLN A 128 2.34 8.79 25.32
N PRO A 129 2.52 8.59 24.02
CA PRO A 129 1.58 9.20 23.07
C PRO A 129 0.18 8.64 23.23
N LYS A 130 -0.82 9.51 23.05
CA LYS A 130 -2.21 9.05 22.97
C LYS A 130 -2.44 8.43 21.60
N ILE A 131 -2.77 7.16 21.57
CA ILE A 131 -2.96 6.43 20.31
C ILE A 131 -4.45 6.19 20.09
N GLY A 132 -4.96 6.76 19.01
CA GLY A 132 -6.36 6.62 18.66
C GLY A 132 -6.63 5.36 17.86
N CYS A 133 -5.71 5.00 16.98
CA CYS A 133 -5.87 3.81 16.14
C CYS A 133 -4.50 3.39 15.62
N TYR A 134 -4.44 2.18 15.07
CA TYR A 134 -3.24 1.69 14.41
C TYR A 134 -3.50 1.46 12.92
N VAL A 135 -2.47 1.68 12.12
CA VAL A 135 -2.46 1.31 10.71
C VAL A 135 -1.07 0.79 10.37
N GLU A 136 -0.98 0.02 9.30
CA GLU A 136 0.29 -0.53 8.84
C GLU A 136 0.89 0.26 7.68
N GLU A 137 0.09 0.57 6.67
CA GLU A 137 0.60 1.13 5.43
C GLU A 137 0.42 2.65 5.39
N ASP A 138 1.30 3.33 4.65
CA ASP A 138 1.44 4.78 4.80
C ASP A 138 0.29 5.54 4.17
N THR A 139 -0.22 5.09 3.03
CA THR A 139 -1.30 5.88 2.43
C THR A 139 -2.56 5.81 3.31
N ALA A 140 -2.80 4.67 3.99
CA ALA A 140 -3.91 4.60 4.93
C ALA A 140 -3.72 5.58 6.09
N MET A 141 -2.46 5.79 6.50
CA MET A 141 -2.18 6.72 7.59
C MET A 141 -2.46 8.15 7.18
N VAL A 142 -1.84 8.63 6.10
CA VAL A 142 -2.11 10.02 5.72
C VAL A 142 -3.57 10.19 5.29
N GLY A 143 -4.19 9.13 4.76
CA GLY A 143 -5.61 9.20 4.45
C GLY A 143 -6.43 9.59 5.66
N LEU A 144 -6.15 8.96 6.81
CA LEU A 144 -6.90 9.27 8.03
C LEU A 144 -6.50 10.63 8.61
N VAL A 145 -5.22 11.02 8.48
CA VAL A 145 -4.87 12.36 8.96
C VAL A 145 -5.63 13.41 8.17
N SER A 146 -5.83 13.16 6.87
CA SER A 146 -6.46 14.11 5.97
C SER A 146 -7.91 14.39 6.34
N VAL A 147 -8.57 13.47 7.05
CA VAL A 147 -9.91 13.71 7.57
C VAL A 147 -9.86 14.09 9.05
N ASP A 148 -8.68 14.47 9.53
CA ASP A 148 -8.50 14.91 10.92
C ASP A 148 -8.98 13.87 11.91
N TYR A 149 -8.82 12.60 11.55
CA TYR A 149 -9.09 11.52 12.49
C TYR A 149 -7.97 11.40 13.53
N GLY A 150 -6.81 11.99 13.27
CA GLY A 150 -5.72 11.99 14.21
C GLY A 150 -4.54 12.71 13.58
N ILE A 151 -3.42 12.72 14.30
CA ILE A 151 -2.16 13.18 13.75
C ILE A 151 -1.24 11.97 13.58
N SER A 152 -0.10 12.17 12.93
CA SER A 152 0.82 11.04 12.81
C SER A 152 2.26 11.51 12.76
N ILE A 153 3.18 10.59 13.08
CA ILE A 153 4.59 10.70 12.76
C ILE A 153 4.90 9.61 11.73
N MET A 154 5.53 9.99 10.62
CA MET A 154 5.71 9.06 9.51
C MET A 154 6.84 9.56 8.63
N PRO A 155 7.32 8.75 7.69
CA PRO A 155 8.35 9.22 6.76
C PRO A 155 7.82 10.31 5.86
N LYS A 156 8.67 11.28 5.55
CA LYS A 156 8.31 12.27 4.56
C LYS A 156 8.34 11.62 3.18
N ILE A 157 7.19 11.51 2.53
CA ILE A 157 7.06 10.85 1.24
C ILE A 157 6.29 11.78 0.31
N SER A 158 6.48 11.55 -1.00
CA SER A 158 6.00 12.52 -2.00
C SER A 158 4.49 12.68 -1.97
N SER A 159 3.76 11.64 -1.57
CA SER A 159 2.30 11.67 -1.60
C SER A 159 1.70 12.64 -0.58
N LEU A 160 2.43 13.01 0.47
CA LEU A 160 1.86 13.85 1.52
C LEU A 160 1.40 15.18 0.95
N ALA A 161 2.09 15.71 -0.05
CA ALA A 161 1.74 17.01 -0.61
C ALA A 161 0.37 17.02 -1.29
N HIS A 162 -0.25 15.86 -1.51
CA HIS A 162 -1.51 15.78 -2.25
C HIS A 162 -2.69 15.43 -1.37
N TYR A 163 -2.52 15.45 -0.05
CA TYR A 163 -3.62 15.33 0.88
C TYR A 163 -3.78 16.66 1.61
N ASN A 164 -4.94 16.83 2.25
CA ASN A 164 -5.25 18.08 2.96
C ASN A 164 -4.58 18.06 4.33
N VAL A 165 -3.25 18.08 4.32
CA VAL A 165 -2.44 17.97 5.53
C VAL A 165 -1.29 18.95 5.48
N LYS A 166 -0.80 19.31 6.67
CA LYS A 166 0.39 20.13 6.84
C LYS A 166 1.50 19.22 7.34
N VAL A 167 2.67 19.27 6.70
CA VAL A 167 3.81 18.44 7.08
C VAL A 167 4.73 19.29 7.94
N LEU A 168 5.04 18.83 9.14
CA LEU A 168 5.84 19.57 10.11
C LEU A 168 7.17 18.87 10.30
N SER A 169 8.26 19.61 10.15
CA SER A 169 9.56 19.03 10.45
C SER A 169 9.74 18.95 11.96
N ILE A 170 10.54 17.98 12.39
CA ILE A 170 10.76 17.68 13.80
C ILE A 170 12.10 18.27 14.21
N ASN A 171 12.06 19.27 15.10
CA ASN A 171 13.31 19.83 15.61
C ASN A 171 13.96 18.89 16.61
N GLU A 172 13.26 18.57 17.69
CA GLU A 172 13.76 17.67 18.72
C GLU A 172 12.72 16.57 19.05
N PRO A 173 13.18 15.33 19.30
CA PRO A 173 14.54 14.83 19.19
C PRO A 173 14.86 14.45 17.74
N LYS A 174 16.12 14.54 17.32
CA LYS A 174 16.51 14.23 15.95
C LYS A 174 17.27 12.91 15.91
N HIS A 175 16.79 12.00 15.07
CA HIS A 175 17.49 10.74 14.88
C HIS A 175 17.26 10.23 13.46
N ASP A 176 18.26 9.52 12.95
CA ASP A 176 18.27 9.07 11.57
C ASP A 176 17.40 7.83 11.40
N ARG A 177 16.63 7.81 10.32
CA ARG A 177 15.84 6.64 9.91
C ARG A 177 16.58 6.05 8.71
N PHE A 178 17.28 4.94 8.94
CA PHE A 178 17.98 4.26 7.86
C PHE A 178 17.16 3.07 7.35
N ILE A 179 17.35 2.76 6.08
CA ILE A 179 16.74 1.61 5.42
C ILE A 179 17.85 0.76 4.83
N TYR A 180 17.71 -0.56 4.93
CA TYR A 180 18.80 -1.50 4.68
C TYR A 180 18.44 -2.47 3.57
N LEU A 181 19.47 -2.89 2.83
CA LEU A 181 19.36 -4.03 1.95
C LEU A 181 19.70 -5.26 2.79
N ALA A 182 18.75 -6.17 2.90
CA ALA A 182 18.88 -7.32 3.78
C ALA A 182 18.97 -8.61 2.97
N SER A 183 19.83 -9.52 3.40
CA SER A 183 20.03 -10.81 2.76
C SER A 183 20.45 -11.84 3.81
N LEU A 184 20.32 -13.12 3.46
CA LEU A 184 20.73 -14.19 4.36
C LEU A 184 22.25 -14.27 4.40
N LYS A 185 22.81 -14.23 5.61
CA LYS A 185 24.25 -14.24 5.77
C LYS A 185 24.84 -15.59 5.34
N ASN A 186 26.01 -15.53 4.69
CA ASN A 186 26.80 -16.71 4.31
C ASN A 186 26.01 -17.70 3.46
N HIS A 187 25.07 -17.22 2.66
CA HIS A 187 24.18 -18.08 1.90
C HIS A 187 24.50 -17.91 0.42
N TYR A 188 24.33 -18.98 -0.35
CA TYR A 188 24.49 -18.87 -1.78
C TYR A 188 23.58 -17.77 -2.32
N ILE A 189 24.13 -16.92 -3.18
CA ILE A 189 23.37 -15.86 -3.85
C ILE A 189 23.62 -16.00 -5.35
N SER A 190 22.56 -15.91 -6.14
CA SER A 190 22.67 -16.14 -7.57
C SER A 190 23.49 -15.02 -8.24
N PRO A 191 24.04 -15.29 -9.43
CA PRO A 191 24.79 -14.22 -10.11
C PRO A 191 23.96 -12.97 -10.33
N ALA A 192 22.70 -13.10 -10.72
CA ALA A 192 21.84 -11.93 -10.91
C ALA A 192 21.59 -11.20 -9.60
N SER A 193 21.27 -11.94 -8.53
CA SER A 193 20.98 -11.31 -7.24
C SER A 193 22.21 -10.61 -6.70
N LYS A 194 23.37 -11.25 -6.82
CA LYS A 194 24.61 -10.61 -6.40
C LYS A 194 24.88 -9.35 -7.21
N ALA A 195 24.68 -9.41 -8.52
CA ALA A 195 24.89 -8.22 -9.33
C ALA A 195 23.98 -7.10 -8.88
N PHE A 196 22.72 -7.42 -8.57
CA PHE A 196 21.81 -6.38 -8.13
C PHE A 196 22.16 -5.86 -6.74
N LYS A 197 22.51 -6.76 -5.81
CA LYS A 197 22.91 -6.33 -4.48
C LYS A 197 24.08 -5.34 -4.56
N ASP A 198 25.15 -5.72 -5.25
CA ASP A 198 26.31 -4.83 -5.36
C ASP A 198 25.94 -3.51 -6.03
N PHE A 199 25.17 -3.58 -7.11
CA PHE A 199 24.73 -2.36 -7.78
C PHE A 199 23.97 -1.45 -6.83
N ALA A 200 23.00 -2.01 -6.10
CA ALA A 200 22.14 -1.19 -5.25
C ALA A 200 22.91 -0.56 -4.11
N LEU A 201 23.82 -1.30 -3.49
CA LEU A 201 24.60 -0.70 -2.40
C LEU A 201 25.49 0.44 -2.89
N ARG A 202 26.14 0.24 -4.04
CA ARG A 202 26.94 1.31 -4.63
C ARG A 202 26.08 2.52 -4.95
N TYR A 203 24.91 2.29 -5.54
CA TYR A 203 24.01 3.37 -5.91
C TYR A 203 23.53 4.15 -4.68
N GLY A 204 23.11 3.42 -3.65
CA GLY A 204 22.66 4.07 -2.42
C GLY A 204 23.76 4.89 -1.76
N LYS A 205 24.97 4.36 -1.74
CA LYS A 205 26.10 5.13 -1.20
C LYS A 205 26.27 6.43 -1.97
N LYS A 206 26.15 6.38 -3.29
CA LYS A 206 26.41 7.56 -4.13
C LYS A 206 25.25 8.54 -4.10
N HIS A 207 24.00 8.06 -4.10
CA HIS A 207 22.86 8.93 -4.32
C HIS A 207 21.86 9.01 -3.19
N PHE A 208 21.80 8.02 -2.29
CA PHE A 208 20.76 7.97 -1.28
C PHE A 208 21.23 8.34 0.13
N LEU A 209 22.47 8.02 0.49
CA LEU A 209 22.86 8.11 1.89
C LEU A 209 23.57 9.40 2.27
N ARG A 210 24.09 10.15 1.31
CA ARG A 210 24.69 11.45 1.61
C ARG A 210 25.95 11.37 2.45
N SER B 1 -22.29 3.44 21.47
CA SER B 1 -21.41 4.11 22.42
C SER B 1 -19.95 3.67 22.44
N HIS B 2 -19.67 2.52 23.06
CA HIS B 2 -18.31 2.06 23.32
C HIS B 2 -18.06 0.74 22.59
N GLY B 3 -16.84 0.56 22.11
CA GLY B 3 -16.44 -0.71 21.53
C GLY B 3 -15.39 -0.51 20.45
N ASN B 4 -14.82 -1.64 20.02
CA ASN B 4 -13.72 -1.62 19.06
C ASN B 4 -14.12 -2.36 17.79
N ILE B 5 -13.58 -1.90 16.67
CA ILE B 5 -13.82 -2.50 15.35
C ILE B 5 -12.47 -2.80 14.69
N ASP B 6 -12.23 -4.06 14.36
CA ASP B 6 -11.05 -4.45 13.59
C ASP B 6 -11.49 -4.56 12.13
N LEU B 7 -10.98 -3.67 11.29
CA LEU B 7 -11.38 -3.55 9.90
C LEU B 7 -10.16 -3.81 9.03
N GLY B 8 -10.23 -4.83 8.17
CA GLY B 8 -9.19 -5.09 7.17
C GLY B 8 -9.70 -4.67 5.80
N PHE B 9 -8.82 -4.10 4.98
CA PHE B 9 -9.24 -3.65 3.66
C PHE B 9 -8.11 -3.67 2.64
N ILE B 10 -8.51 -3.73 1.37
CA ILE B 10 -7.57 -3.71 0.26
C ILE B 10 -6.95 -2.33 0.12
N TYR B 11 -5.70 -2.31 -0.36
CA TYR B 11 -4.84 -1.12 -0.29
C TYR B 11 -5.50 0.15 -0.78
N THR B 12 -6.14 0.11 -1.96
CA THR B 12 -6.59 1.39 -2.51
C THR B 12 -7.69 2.04 -1.65
N MET B 13 -8.28 1.30 -0.72
CA MET B 13 -9.31 1.91 0.11
C MET B 13 -8.72 2.80 1.20
N GLY B 14 -7.39 2.76 1.42
CA GLY B 14 -6.81 3.54 2.52
C GLY B 14 -6.79 5.02 2.23
N ALA B 15 -6.55 5.41 0.97
CA ALA B 15 -6.32 6.81 0.65
C ALA B 15 -7.53 7.68 0.96
N HIS B 16 -8.73 7.24 0.56
CA HIS B 16 -9.89 8.13 0.61
C HIS B 16 -11.18 7.46 1.11
N THR B 17 -11.44 6.23 0.68
CA THR B 17 -12.73 5.61 0.97
C THR B 17 -12.88 5.30 2.45
N VAL B 18 -11.94 4.58 3.05
CA VAL B 18 -12.03 4.30 4.48
C VAL B 18 -12.02 5.58 5.29
N PRO B 19 -11.13 6.55 5.03
CA PRO B 19 -11.23 7.81 5.77
C PRO B 19 -12.60 8.48 5.65
N GLU B 20 -13.19 8.49 4.45
CA GLU B 20 -14.50 9.11 4.30
C GLU B 20 -15.55 8.38 5.14
N LEU B 21 -15.52 7.04 5.14
CA LEU B 21 -16.47 6.26 5.94
C LEU B 21 -16.27 6.52 7.43
N VAL B 22 -15.01 6.51 7.87
CA VAL B 22 -14.72 6.69 9.29
C VAL B 22 -15.06 8.11 9.73
N GLN B 23 -14.71 9.10 8.90
CA GLN B 23 -15.01 10.49 9.25
C GLN B 23 -16.49 10.69 9.45
N ASN B 24 -17.29 10.18 8.52
CA ASN B 24 -18.72 10.39 8.60
C ASN B 24 -19.36 9.53 9.68
N PHE B 25 -18.88 8.30 9.87
CA PHE B 25 -19.38 7.46 10.97
C PHE B 25 -19.17 8.15 12.30
N THR B 26 -17.99 8.75 12.51
CA THR B 26 -17.55 9.27 13.79
C THR B 26 -18.07 10.67 14.11
N LYS B 27 -18.65 11.39 13.16
CA LYS B 27 -19.26 12.66 13.53
C LYS B 27 -20.54 12.48 14.32
N VAL B 28 -21.19 11.32 14.24
CA VAL B 28 -22.37 11.08 15.07
C VAL B 28 -21.92 10.96 16.52
N GLU B 29 -22.60 11.69 17.42
CA GLU B 29 -22.13 11.77 18.81
C GLU B 29 -21.96 10.41 19.44
N SER B 30 -22.92 9.51 19.23
CA SER B 30 -22.88 8.18 19.84
C SER B 30 -21.81 7.28 19.26
N HIS B 31 -21.09 7.72 18.24
CA HIS B 31 -20.00 6.94 17.68
C HIS B 31 -18.64 7.50 18.05
N LYS B 32 -18.58 8.64 18.72
CA LYS B 32 -17.30 9.30 18.98
C LYS B 32 -16.33 8.39 19.72
N ASP B 33 -16.82 7.57 20.65
CA ASP B 33 -15.93 6.76 21.49
C ASP B 33 -15.59 5.41 20.90
N ILE B 34 -16.19 5.03 19.77
CA ILE B 34 -15.83 3.77 19.13
C ILE B 34 -14.44 3.89 18.53
N THR B 35 -13.66 2.84 18.66
CA THR B 35 -12.28 2.81 18.18
C THR B 35 -12.13 1.78 17.06
N PHE B 36 -11.05 1.91 16.30
CA PHE B 36 -10.76 1.02 15.19
C PHE B 36 -9.32 0.53 15.29
N SER B 37 -9.07 -0.66 14.73
CA SER B 37 -7.74 -1.03 14.28
C SER B 37 -7.86 -1.39 12.81
N PHE B 38 -6.99 -0.81 11.98
CA PHE B 38 -7.09 -0.89 10.52
C PHE B 38 -5.95 -1.73 9.94
N PHE B 39 -6.32 -2.72 9.12
CA PHE B 39 -5.34 -3.59 8.47
C PHE B 39 -5.44 -3.46 6.96
N GLN B 40 -4.29 -3.51 6.29
CA GLN B 40 -4.22 -3.37 4.83
C GLN B 40 -3.61 -4.64 4.24
N GLY B 41 -4.14 -5.07 3.10
CA GLY B 41 -3.59 -6.23 2.42
C GLY B 41 -4.36 -6.52 1.15
N ALA B 42 -4.01 -7.64 0.52
CA ALA B 42 -4.69 -8.11 -0.68
C ALA B 42 -5.87 -9.00 -0.30
N THR B 43 -6.83 -9.10 -1.22
CA THR B 43 -8.05 -9.87 -0.93
C THR B 43 -7.74 -11.29 -0.45
N LYS B 44 -6.79 -11.95 -1.10
CA LYS B 44 -6.57 -13.35 -0.76
C LYS B 44 -5.97 -13.50 0.63
N SER B 45 -5.24 -12.48 1.12
CA SER B 45 -4.81 -12.51 2.52
C SER B 45 -5.95 -12.18 3.46
N ILE B 46 -6.82 -11.27 3.04
CA ILE B 46 -7.88 -10.77 3.92
C ILE B 46 -8.90 -11.86 4.24
N ILE B 47 -9.25 -12.69 3.25
CA ILE B 47 -10.30 -13.68 3.47
C ILE B 47 -9.96 -14.61 4.64
N PRO B 48 -8.76 -15.20 4.71
CA PRO B 48 -8.42 -16.02 5.89
C PRO B 48 -8.53 -15.27 7.20
N ASP B 49 -8.17 -13.98 7.21
CA ASP B 49 -8.23 -13.21 8.44
C ASP B 49 -9.66 -12.85 8.83
N LEU B 50 -10.60 -12.95 7.90
CA LEU B 50 -12.02 -12.88 8.27
C LEU B 50 -12.45 -14.18 8.92
N LYS B 51 -12.07 -15.31 8.34
CA LYS B 51 -12.48 -16.62 8.85
C LYS B 51 -11.91 -16.89 10.24
N ASN B 52 -10.67 -16.49 10.49
CA ASN B 52 -10.11 -16.69 11.82
C ASN B 52 -10.44 -15.55 12.77
N GLU B 53 -11.34 -14.64 12.36
CA GLU B 53 -11.91 -13.60 13.21
C GLU B 53 -10.91 -12.55 13.64
N LYS B 54 -9.76 -12.46 12.97
CA LYS B 54 -8.87 -11.33 13.21
C LYS B 54 -9.55 -10.01 12.87
N PHE B 55 -10.39 -10.01 11.84
CA PHE B 55 -11.13 -8.85 11.39
C PHE B 55 -12.61 -9.04 11.71
N ASP B 56 -13.24 -7.96 12.21
CA ASP B 56 -14.70 -7.96 12.36
C ASP B 56 -15.39 -7.84 11.01
N LEU B 57 -14.82 -7.05 10.12
CA LEU B 57 -15.39 -6.73 8.82
C LEU B 57 -14.25 -6.53 7.84
N ALA B 58 -14.53 -6.66 6.55
CA ALA B 58 -13.52 -6.41 5.56
C ALA B 58 -14.12 -5.68 4.36
N ILE B 59 -13.27 -4.93 3.66
CA ILE B 59 -13.62 -4.32 2.38
C ILE B 59 -12.66 -4.89 1.35
N CYS B 60 -13.17 -5.64 0.39
CA CYS B 60 -12.27 -6.34 -0.53
C CYS B 60 -13.03 -6.75 -1.77
N SER B 61 -12.33 -7.48 -2.64
CA SER B 61 -12.95 -7.98 -3.85
C SER B 61 -13.82 -9.20 -3.55
N TYR B 62 -14.83 -9.40 -4.36
CA TYR B 62 -15.60 -10.63 -4.32
C TYR B 62 -14.69 -11.82 -4.64
N VAL B 63 -14.95 -12.95 -4.00
CA VAL B 63 -14.21 -14.18 -4.24
C VAL B 63 -15.21 -15.31 -4.45
N GLU B 64 -15.05 -16.07 -5.53
CA GLU B 64 -15.96 -17.18 -5.79
C GLU B 64 -15.75 -18.32 -4.80
N ASN B 65 -16.83 -19.07 -4.55
CA ASN B 65 -16.79 -20.28 -3.72
C ASN B 65 -16.32 -19.99 -2.30
N GLU B 66 -16.89 -18.93 -1.70
CA GLU B 66 -16.69 -18.62 -0.30
C GLU B 66 -18.06 -18.49 0.35
N PRO B 67 -18.80 -19.60 0.46
CA PRO B 67 -20.18 -19.54 0.95
C PRO B 67 -20.30 -19.11 2.40
N ASP B 68 -19.23 -19.19 3.19
CA ASP B 68 -19.26 -18.72 4.56
C ASP B 68 -19.16 -17.19 4.66
N ILE B 69 -18.87 -16.51 3.56
CA ILE B 69 -18.62 -15.07 3.55
C ILE B 69 -19.76 -14.38 2.81
N GLU B 70 -20.30 -13.32 3.41
CA GLU B 70 -21.30 -12.47 2.77
C GLU B 70 -20.57 -11.29 2.13
N PHE B 71 -20.77 -11.09 0.84
CA PHE B 71 -20.21 -9.97 0.10
C PHE B 71 -21.36 -9.03 -0.28
N LEU B 72 -21.30 -7.79 0.20
CA LEU B 72 -22.34 -6.81 -0.09
C LEU B 72 -21.73 -5.60 -0.78
N PRO B 73 -22.32 -5.13 -1.88
CA PRO B 73 -21.68 -4.06 -2.67
C PRO B 73 -21.51 -2.80 -1.85
N LEU B 74 -20.31 -2.20 -1.95
CA LEU B 74 -20.00 -0.98 -1.21
C LEU B 74 -19.56 0.16 -2.13
N THR B 75 -18.68 -0.11 -3.08
CA THR B 75 -18.23 0.93 -3.98
C THR B 75 -17.77 0.29 -5.30
N LYS B 76 -17.18 1.10 -6.18
CA LYS B 76 -16.72 0.59 -7.47
C LYS B 76 -15.48 1.37 -7.89
N GLN B 77 -14.74 0.83 -8.84
CA GLN B 77 -13.59 1.52 -9.41
C GLN B 77 -13.62 1.37 -10.93
N GLU B 78 -12.88 2.25 -11.60
CA GLU B 78 -12.70 2.14 -13.04
C GLU B 78 -11.31 1.58 -13.34
N LEU B 79 -11.24 0.49 -14.10
CA LEU B 79 -9.95 0.00 -14.56
C LEU B 79 -9.45 0.83 -15.74
N VAL B 80 -8.16 1.17 -15.71
CA VAL B 80 -7.50 1.94 -16.77
C VAL B 80 -6.20 1.23 -17.15
N VAL B 81 -5.66 1.63 -18.28
CA VAL B 81 -4.31 1.25 -18.68
C VAL B 81 -3.38 2.44 -18.43
N VAL B 82 -2.23 2.18 -17.79
CA VAL B 82 -1.30 3.21 -17.39
C VAL B 82 0.04 2.95 -18.07
N VAL B 83 0.59 3.98 -18.71
CA VAL B 83 1.85 3.83 -19.45
C VAL B 83 2.72 5.04 -19.17
N ALA B 84 4.05 4.85 -19.26
CA ALA B 84 4.97 5.97 -19.11
C ALA B 84 4.71 7.02 -20.20
N GLU B 85 5.06 8.27 -19.89
CA GLU B 85 4.68 9.32 -20.84
C GLU B 85 5.40 9.20 -22.18
N ASN B 86 6.52 8.49 -22.24
CA ASN B 86 7.26 8.28 -23.48
C ASN B 86 6.78 7.06 -24.27
N HIS B 87 5.85 6.28 -23.73
CA HIS B 87 5.44 5.03 -24.33
C HIS B 87 4.63 5.30 -25.61
N PRO B 88 4.71 4.41 -26.60
CA PRO B 88 3.90 4.61 -27.81
C PRO B 88 2.41 4.79 -27.55
N LEU B 89 1.86 4.17 -26.52
CA LEU B 89 0.42 4.32 -26.28
C LEU B 89 0.05 5.66 -25.66
N ALA B 90 1.03 6.42 -25.15
CA ALA B 90 0.71 7.67 -24.46
C ALA B 90 0.10 8.70 -25.39
N LYS B 91 0.23 8.53 -26.71
CA LYS B 91 -0.39 9.46 -27.65
C LYS B 91 -1.90 9.38 -27.63
N TYR B 92 -2.47 8.28 -27.14
CA TYR B 92 -3.91 8.08 -27.13
C TYR B 92 -4.51 8.48 -25.79
N ASP B 93 -5.83 8.69 -25.80
CA ASP B 93 -6.58 8.96 -24.59
C ASP B 93 -7.45 7.80 -24.15
N SER B 94 -7.80 6.91 -25.06
CA SER B 94 -8.54 5.70 -24.74
C SER B 94 -8.08 4.62 -25.71
N ILE B 95 -8.19 3.37 -25.28
CA ILE B 95 -7.74 2.27 -26.11
C ILE B 95 -8.61 1.05 -25.86
N ASP B 96 -8.53 0.11 -26.79
CA ASP B 96 -9.04 -1.23 -26.55
C ASP B 96 -7.93 -2.04 -25.91
N LEU B 97 -8.30 -2.94 -25.00
CA LEU B 97 -7.29 -3.73 -24.32
C LEU B 97 -6.46 -4.53 -25.31
N GLN B 98 -7.07 -4.99 -26.41
CA GLN B 98 -6.31 -5.74 -27.40
C GLN B 98 -5.25 -4.88 -28.07
N ASP B 99 -5.36 -3.54 -27.95
CA ASP B 99 -4.30 -2.68 -28.46
C ASP B 99 -3.00 -2.73 -27.65
N THR B 100 -3.00 -3.39 -26.49
CA THR B 100 -1.80 -3.48 -25.66
C THR B 100 -1.00 -4.75 -25.90
N ALA B 101 -1.43 -5.58 -26.85
CA ALA B 101 -0.91 -6.94 -26.96
C ALA B 101 0.61 -6.99 -27.04
N ASP B 102 1.24 -6.01 -27.70
CA ASP B 102 2.67 -6.08 -27.94
C ASP B 102 3.52 -5.76 -26.72
N TYR B 103 2.94 -5.22 -25.65
CA TYR B 103 3.73 -4.53 -24.64
C TYR B 103 3.83 -5.33 -23.35
N SER B 104 4.96 -5.18 -22.64
CA SER B 104 5.23 -5.93 -21.42
C SER B 104 4.49 -5.33 -20.23
N TYR B 105 3.78 -6.17 -19.48
CA TYR B 105 2.97 -5.72 -18.36
C TYR B 105 3.70 -5.83 -17.03
N ILE B 106 3.41 -4.86 -16.15
CA ILE B 106 3.61 -5.00 -14.72
C ILE B 106 2.26 -5.51 -14.21
N PHE B 107 2.19 -6.79 -13.85
CA PHE B 107 0.93 -7.47 -13.57
C PHE B 107 0.72 -7.64 -12.06
N PHE B 108 -0.54 -7.65 -11.66
CA PHE B 108 -0.86 -7.95 -10.26
C PHE B 108 -0.57 -9.40 -9.93
N SER B 109 -0.01 -9.63 -8.74
CA SER B 109 0.26 -11.00 -8.34
C SER B 109 -1.04 -11.77 -8.11
N ASP B 110 -0.92 -13.10 -8.01
CA ASP B 110 -2.07 -13.96 -7.80
C ASP B 110 -2.82 -13.65 -6.51
N THR B 111 -2.18 -13.01 -5.53
CA THR B 111 -2.88 -12.66 -4.29
C THR B 111 -3.96 -11.59 -4.51
N SER B 112 -3.97 -10.92 -5.67
CA SER B 112 -4.83 -9.77 -5.86
C SER B 112 -6.27 -10.21 -6.14
N GLY B 113 -7.21 -9.66 -5.37
CA GLY B 113 -8.62 -9.89 -5.67
C GLY B 113 -9.08 -9.30 -6.99
N LEU B 114 -8.25 -8.50 -7.66
CA LEU B 114 -8.54 -7.96 -8.98
C LEU B 114 -8.23 -8.93 -10.11
N ARG B 115 -7.44 -9.95 -9.87
CA ARG B 115 -6.97 -10.79 -10.97
C ARG B 115 -8.07 -11.58 -11.66
N PRO B 116 -9.08 -12.10 -10.96
CA PRO B 116 -10.21 -12.73 -11.67
C PRO B 116 -10.83 -11.82 -12.72
N LEU B 117 -11.17 -10.57 -12.36
CA LEU B 117 -11.71 -9.65 -13.36
C LEU B 117 -10.72 -9.41 -14.49
N ILE B 118 -9.47 -9.04 -14.15
CA ILE B 118 -8.48 -8.71 -15.19
C ILE B 118 -8.27 -9.90 -16.13
N ASP B 119 -8.05 -11.10 -15.57
CA ASP B 119 -7.84 -12.28 -16.40
C ASP B 119 -9.03 -12.54 -17.31
N SER B 120 -10.25 -12.30 -16.82
CA SER B 120 -11.43 -12.54 -17.65
C SER B 120 -11.49 -11.57 -18.81
N LEU B 121 -11.00 -10.34 -18.62
CA LEU B 121 -10.98 -9.36 -19.70
C LEU B 121 -10.06 -9.79 -20.84
N PHE B 122 -8.87 -10.27 -20.49
CA PHE B 122 -7.92 -10.73 -21.50
C PHE B 122 -8.41 -12.02 -22.16
N ALA B 123 -9.02 -12.91 -21.38
CA ALA B 123 -9.58 -14.12 -21.96
C ALA B 123 -10.72 -13.80 -22.91
N GLU B 124 -11.53 -12.81 -22.57
CA GLU B 124 -12.65 -12.43 -23.42
C GLU B 124 -12.17 -12.06 -24.82
N ILE B 125 -11.07 -11.33 -24.92
CA ILE B 125 -10.55 -10.88 -26.21
C ILE B 125 -9.48 -11.83 -26.74
N ASN B 126 -9.29 -12.97 -26.08
CA ASN B 126 -8.34 -13.98 -26.50
C ASN B 126 -6.93 -13.40 -26.69
N ILE B 127 -6.45 -12.71 -25.66
CA ILE B 127 -5.09 -12.16 -25.65
C ILE B 127 -4.39 -12.75 -24.43
N GLN B 128 -3.17 -13.22 -24.62
CA GLN B 128 -2.34 -13.66 -23.50
C GLN B 128 -1.31 -12.58 -23.28
N PRO B 129 -1.47 -11.72 -22.27
CA PRO B 129 -0.57 -10.58 -22.12
C PRO B 129 0.87 -11.02 -21.85
N LYS B 130 1.81 -10.25 -22.37
CA LYS B 130 3.20 -10.42 -22.03
C LYS B 130 3.42 -9.89 -20.62
N ILE B 131 3.80 -10.75 -19.68
CA ILE B 131 3.98 -10.31 -18.30
C ILE B 131 5.48 -10.20 -18.01
N GLY B 132 5.92 -8.98 -17.69
CA GLY B 132 7.32 -8.75 -17.39
C GLY B 132 7.66 -8.98 -15.94
N CYS B 133 6.74 -8.61 -15.04
CA CYS B 133 6.97 -8.78 -13.62
C CYS B 133 5.62 -8.73 -12.93
N TYR B 134 5.62 -9.16 -11.67
CA TYR B 134 4.45 -9.12 -10.80
C TYR B 134 4.70 -8.19 -9.62
N VAL B 135 3.64 -7.50 -9.20
CA VAL B 135 3.67 -6.68 -7.99
C VAL B 135 2.33 -6.87 -7.32
N GLU B 136 2.27 -6.58 -6.02
CA GLU B 136 0.99 -6.69 -5.34
C GLU B 136 0.30 -5.34 -5.13
N GLU B 137 1.03 -4.35 -4.63
CA GLU B 137 0.41 -3.11 -4.19
C GLU B 137 0.51 -2.04 -5.29
N ASP B 138 -0.44 -1.09 -5.27
CA ASP B 138 -0.67 -0.24 -6.44
C ASP B 138 0.42 0.83 -6.61
N THR B 139 0.94 1.40 -5.51
CA THR B 139 1.94 2.42 -5.71
C THR B 139 3.23 1.82 -6.27
N ALA B 140 3.57 0.59 -5.88
CA ALA B 140 4.73 -0.07 -6.50
C ALA B 140 4.51 -0.26 -7.99
N MET B 141 3.27 -0.55 -8.39
CA MET B 141 2.97 -0.74 -9.81
C MET B 141 3.14 0.55 -10.59
N VAL B 142 2.47 1.63 -10.18
CA VAL B 142 2.64 2.86 -10.94
C VAL B 142 4.08 3.37 -10.85
N GLY B 143 4.77 3.11 -9.74
CA GLY B 143 6.17 3.46 -9.67
C GLY B 143 6.98 2.84 -10.79
N LEU B 144 6.75 1.55 -11.05
CA LEU B 144 7.46 0.87 -12.13
C LEU B 144 7.01 1.34 -13.50
N VAL B 145 5.72 1.63 -13.68
CA VAL B 145 5.29 2.20 -14.96
C VAL B 145 5.97 3.53 -15.22
N SER B 146 6.16 4.35 -14.17
CA SER B 146 6.69 5.69 -14.34
C SER B 146 8.15 5.71 -14.81
N VAL B 147 8.91 4.62 -14.63
CA VAL B 147 10.23 4.53 -15.24
C VAL B 147 10.21 3.69 -16.52
N ASP B 148 9.02 3.46 -17.07
CA ASP B 148 8.81 2.69 -18.30
C ASP B 148 9.36 1.27 -18.19
N TYR B 149 9.26 0.68 -17.01
CA TYR B 149 9.62 -0.73 -16.87
C TYR B 149 8.55 -1.63 -17.48
N GLY B 150 7.35 -1.09 -17.66
CA GLY B 150 6.27 -1.82 -18.31
C GLY B 150 5.03 -0.95 -18.33
N ILE B 151 3.92 -1.53 -18.80
CA ILE B 151 2.62 -0.88 -18.70
C ILE B 151 1.80 -1.64 -17.66
N SER B 152 0.63 -1.10 -17.34
CA SER B 152 -0.20 -1.83 -16.40
C SER B 152 -1.68 -1.57 -16.68
N ILE B 153 -2.50 -2.51 -16.21
CA ILE B 153 -3.94 -2.29 -16.05
C ILE B 153 -4.22 -2.27 -14.56
N MET B 154 -4.91 -1.23 -14.08
CA MET B 154 -5.05 -1.06 -12.63
C MET B 154 -6.22 -0.12 -12.37
N PRO B 155 -6.66 -0.01 -11.12
CA PRO B 155 -7.74 0.93 -10.79
C PRO B 155 -7.26 2.36 -10.97
N LYS B 156 -8.18 3.21 -11.43
CA LYS B 156 -7.92 4.64 -11.52
C LYS B 156 -7.96 5.20 -10.11
N ILE B 157 -6.81 5.65 -9.62
CA ILE B 157 -6.70 6.15 -8.26
C ILE B 157 -6.01 7.50 -8.32
N SER B 158 -6.23 8.30 -7.27
CA SER B 158 -5.85 9.70 -7.32
C SER B 158 -4.35 9.90 -7.49
N SER B 159 -3.53 8.95 -7.01
CA SER B 159 -2.09 9.14 -7.09
C SER B 159 -1.55 9.09 -8.51
N LEU B 160 -2.28 8.47 -9.45
CA LEU B 160 -1.72 8.33 -10.80
C LEU B 160 -1.39 9.68 -11.40
N ALA B 161 -2.18 10.71 -11.08
CA ALA B 161 -1.95 12.03 -11.64
C ALA B 161 -0.63 12.64 -11.23
N HIS B 162 0.06 12.04 -10.26
CA HIS B 162 1.31 12.60 -9.72
C HIS B 162 2.53 11.79 -10.13
N TYR B 163 2.39 10.86 -11.06
CA TYR B 163 3.52 10.21 -11.68
C TYR B 163 3.58 10.63 -13.14
N ASN B 164 4.75 10.45 -13.75
CA ASN B 164 4.93 10.84 -15.15
C ASN B 164 4.39 9.73 -16.04
N VAL B 165 3.06 9.56 -16.00
CA VAL B 165 2.39 8.51 -16.73
C VAL B 165 1.15 9.08 -17.40
N LYS B 166 0.74 8.42 -18.48
CA LYS B 166 -0.51 8.73 -19.17
C LYS B 166 -1.53 7.67 -18.77
N VAL B 167 -2.72 8.12 -18.37
CA VAL B 167 -3.81 7.23 -17.99
C VAL B 167 -4.79 7.15 -19.15
N LEU B 168 -5.06 5.94 -19.61
CA LEU B 168 -5.91 5.67 -20.76
C LEU B 168 -7.18 4.97 -20.29
N SER B 169 -8.33 5.46 -20.74
CA SER B 169 -9.56 4.72 -20.48
C SER B 169 -9.66 3.51 -21.42
N ILE B 170 -10.38 2.49 -20.97
CA ILE B 170 -10.54 1.25 -21.71
C ILE B 170 -11.91 1.23 -22.37
N ASN B 171 -11.92 1.19 -23.71
CA ASN B 171 -13.19 1.10 -24.43
C ASN B 171 -13.74 -0.31 -24.39
N GLU B 172 -12.98 -1.27 -24.90
CA GLU B 172 -13.34 -2.69 -24.94
C GLU B 172 -12.19 -3.51 -24.38
N PRO B 173 -12.51 -4.61 -23.66
CA PRO B 173 -13.89 -4.99 -23.39
C PRO B 173 -14.47 -4.18 -22.24
N LYS B 174 -15.76 -4.37 -21.98
CA LYS B 174 -16.45 -3.68 -20.91
C LYS B 174 -16.14 -4.33 -19.58
N HIS B 175 -16.25 -3.55 -18.51
CA HIS B 175 -15.97 -4.07 -17.20
C HIS B 175 -16.75 -3.30 -16.16
N ASP B 176 -17.08 -3.99 -15.07
CA ASP B 176 -17.41 -3.35 -13.81
C ASP B 176 -16.52 -3.96 -12.74
N ARG B 177 -15.88 -3.10 -11.96
CA ARG B 177 -15.05 -3.50 -10.83
C ARG B 177 -15.79 -3.03 -9.58
N PHE B 178 -16.45 -3.95 -8.89
CA PHE B 178 -17.13 -3.67 -7.63
C PHE B 178 -16.24 -4.02 -6.45
N ILE B 179 -16.43 -3.30 -5.35
CA ILE B 179 -15.76 -3.61 -4.10
C ILE B 179 -16.84 -3.82 -3.04
N TYR B 180 -16.58 -4.77 -2.16
CA TYR B 180 -17.58 -5.34 -1.28
C TYR B 180 -17.23 -5.17 0.19
N LEU B 181 -18.28 -5.00 1.00
CA LEU B 181 -18.20 -5.16 2.43
C LEU B 181 -18.39 -6.65 2.72
N ALA B 182 -17.37 -7.28 3.30
CA ALA B 182 -17.35 -8.72 3.51
C ALA B 182 -17.43 -9.04 5.00
N SER B 183 -18.22 -10.05 5.35
CA SER B 183 -18.38 -10.48 6.73
C SER B 183 -18.72 -11.96 6.77
N LEU B 184 -18.52 -12.57 7.95
CA LEU B 184 -18.84 -13.98 8.15
C LEU B 184 -20.34 -14.19 8.27
N LYS B 185 -20.87 -15.13 7.49
CA LYS B 185 -22.27 -15.47 7.57
C LYS B 185 -22.57 -16.19 8.88
N ASN B 186 -23.76 -15.93 9.45
CA ASN B 186 -24.23 -16.66 10.63
C ASN B 186 -23.25 -16.53 11.79
N HIS B 187 -22.64 -15.36 11.91
CA HIS B 187 -21.63 -15.14 12.94
C HIS B 187 -22.05 -13.99 13.85
N TYR B 188 -21.69 -14.10 15.13
CA TYR B 188 -21.97 -13.04 16.07
C TYR B 188 -21.06 -11.84 15.83
N ILE B 189 -21.64 -10.65 15.85
CA ILE B 189 -20.95 -9.41 15.54
C ILE B 189 -21.27 -8.38 16.61
N SER B 190 -20.26 -7.64 17.07
CA SER B 190 -20.43 -6.72 18.19
C SER B 190 -21.35 -5.55 17.82
N PRO B 191 -21.96 -4.90 18.82
CA PRO B 191 -22.85 -3.77 18.48
C PRO B 191 -22.16 -2.69 17.68
N ALA B 192 -20.92 -2.32 18.02
CA ALA B 192 -20.21 -1.31 17.24
C ALA B 192 -19.95 -1.79 15.83
N SER B 193 -19.55 -3.05 15.66
CA SER B 193 -19.26 -3.55 14.32
C SER B 193 -20.52 -3.55 13.47
N LYS B 194 -21.65 -4.01 14.02
CA LYS B 194 -22.91 -3.97 13.32
C LYS B 194 -23.30 -2.54 12.96
N ALA B 195 -23.12 -1.59 13.89
CA ALA B 195 -23.42 -0.19 13.60
C ALA B 195 -22.58 0.32 12.45
N PHE B 196 -21.28 0.00 12.43
CA PHE B 196 -20.45 0.44 11.34
C PHE B 196 -20.83 -0.26 10.03
N LYS B 197 -21.10 -1.57 10.10
CA LYS B 197 -21.50 -2.29 8.90
C LYS B 197 -22.74 -1.65 8.25
N ASP B 198 -23.82 -1.48 9.02
CA ASP B 198 -25.03 -0.90 8.45
C ASP B 198 -24.78 0.53 7.96
N PHE B 199 -24.05 1.33 8.74
CA PHE B 199 -23.73 2.69 8.33
C PHE B 199 -23.00 2.68 6.98
N ALA B 200 -21.95 1.86 6.86
CA ALA B 200 -21.14 1.89 5.64
C ALA B 200 -21.96 1.45 4.44
N LEU B 201 -22.84 0.44 4.62
CA LEU B 201 -23.68 0.00 3.50
C LEU B 201 -24.64 1.09 3.05
N ARG B 202 -25.27 1.79 4.01
CA ARG B 202 -26.10 2.93 3.64
C ARG B 202 -25.27 3.99 2.94
N TYR B 203 -24.07 4.28 3.47
CA TYR B 203 -23.24 5.33 2.91
C TYR B 203 -22.84 5.02 1.49
N GLY B 204 -22.43 3.76 1.23
CA GLY B 204 -22.06 3.38 -0.11
C GLY B 204 -23.21 3.48 -1.10
N LYS B 205 -24.40 3.02 -0.72
CA LYS B 205 -25.55 3.16 -1.62
C LYS B 205 -25.79 4.62 -1.97
N LYS B 206 -25.72 5.51 -0.97
CA LYS B 206 -26.04 6.91 -1.20
C LYS B 206 -24.91 7.63 -1.94
N HIS B 207 -23.65 7.32 -1.65
CA HIS B 207 -22.53 8.12 -2.14
C HIS B 207 -21.58 7.42 -3.09
N PHE B 208 -21.50 6.10 -3.10
CA PHE B 208 -20.46 5.41 -3.87
C PHE B 208 -20.99 4.71 -5.11
N LEU B 209 -22.22 4.21 -5.05
CA LEU B 209 -22.73 3.33 -6.11
C LEU B 209 -23.62 4.06 -7.11
N GLY C 1 -27.71 3.20 -7.13
CA GLY C 1 -28.24 2.71 -8.38
C GLY C 1 -27.59 1.41 -8.81
N ALA C 2 -26.26 1.34 -8.70
CA ALA C 2 -25.51 0.17 -9.11
C ALA C 2 -25.50 -0.94 -8.06
N TYR C 3 -26.20 -0.78 -6.94
CA TYR C 3 -26.14 -1.79 -5.89
C TYR C 3 -26.70 -3.12 -6.38
N GLY C 4 -27.92 -3.12 -6.90
CA GLY C 4 -28.48 -4.34 -7.47
C GLY C 4 -27.54 -4.99 -8.48
N ALA C 5 -26.99 -4.20 -9.39
CA ALA C 5 -26.04 -4.75 -10.36
C ALA C 5 -24.87 -5.44 -9.64
N GLY C 6 -24.42 -4.88 -8.52
CA GLY C 6 -23.28 -5.44 -7.82
C GLY C 6 -23.55 -6.76 -7.14
N LEU C 7 -24.81 -7.13 -6.98
CA LEU C 7 -25.15 -8.41 -6.37
C LEU C 7 -25.06 -9.58 -7.36
N ALA C 8 -24.96 -9.31 -8.66
CA ALA C 8 -24.95 -10.37 -9.66
C ALA C 8 -23.56 -10.98 -9.80
N HIS C 9 -23.51 -12.32 -9.80
CA HIS C 9 -22.26 -13.06 -10.04
C HIS C 9 -22.53 -14.26 -10.96
O12 SKM D . 5.55 1.47 5.21
C8 SKM D . 5.23 1.55 6.60
C6 SKM D . 5.05 0.30 7.15
O7 SKM D . 4.75 0.39 8.55
C5 SKM D . 6.38 -0.67 7.04
C4 SKM D . 7.60 -0.02 7.54
C1 SKM D . 8.85 -0.84 7.91
O2 SKM D . 8.71 -2.06 8.18
O3 SKM D . 9.98 -0.27 8.00
C10 SKM D . 7.66 1.58 7.60
C9 SKM D . 6.48 2.37 7.39
O11 SKM D . 6.82 3.47 6.66
H12 SKM D . 5.15 2.07 4.80
H8 SKM D . 4.44 2.04 6.70
H6 SKM D . 4.34 -0.12 6.71
HO7 SKM D . 4.26 -0.25 8.76
H51 SKM D . 6.51 -0.91 6.14
H52 SKM D . 6.23 -1.45 7.55
H10 SKM D . 8.48 2.00 7.76
H9 SKM D . 6.17 2.64 8.24
H11 SKM D . 7.45 3.28 6.15
O12 SKM E . -4.49 -3.04 -4.16
C8 SKM E . -4.16 -4.00 -5.17
C6 SKM E . -3.91 -5.23 -4.61
O7 SKM E . -3.67 -6.23 -5.61
C5 SKM E . -5.23 -5.75 -3.77
C4 SKM E . -6.45 -5.68 -4.58
C1 SKM E . -7.61 -6.60 -4.24
O2 SKM E . -8.78 -6.34 -4.66
O3 SKM E . -7.38 -7.64 -3.58
C10 SKM E . -6.57 -4.73 -5.86
C9 SKM E . -5.41 -4.01 -6.31
O11 SKM E . -5.81 -2.71 -6.59
H12 SKM E . -5.08 -2.54 -4.44
H8 SKM E . -3.37 -3.72 -5.59
H6 SKM E . -3.18 -5.17 -4.03
HO7 SKM E . -3.17 -6.83 -5.30
H51 SKM E . -5.33 -5.19 -3.02
H52 SKM E . -5.08 -6.63 -3.49
H10 SKM E . -7.33 -4.78 -6.41
H9 SKM E . -5.10 -4.41 -7.09
H11 SKM E . -6.61 -2.61 -6.40
#